data_7O8B
#
_entry.id   7O8B
#
_cell.length_a   50.889
_cell.length_b   69.551
_cell.length_c   83.916
_cell.angle_alpha   90.00
_cell.angle_beta   90.00
_cell.angle_gamma   90.00
#
_symmetry.space_group_name_H-M   'P 21 21 21'
#
loop_
_entity.id
_entity.type
_entity.pdbx_description
1 polymer 'Haloalkane dehalogenase'
2 non-polymer 'methyl sulfate'
3 water water
#
_entity_poly.entity_id   1
_entity_poly.type   'polypeptide(L)'
_entity_poly.pdbx_seq_one_letter_code
;IGTGFPFDPHYVEVLGERMHYVDVGPRDGTPVLFLHGNPTSSYLWRNIIPHVAPSHRCIAPDLIGMGKSDKPDLDYFFDD
HVRYLDAFIEALGLEEVVLVIHDWGSALGFHWAKRNPERVKGIACMEFIRPIPTWDEWPEFARELFQAFRTADVGRELII
DQNAFIEQVLPKFVVRPLTEVEMDHYREPFLKPVDREPLWRFPNELPIAGEPANIVALVEAYMNWLHQSPVPKLLFWGTP
GVLIPPAEAARLAESLPNCKTVDIGPGLHYLQEDNPDLIGSEIARWLPAL
;
_entity_poly.pdbx_strand_id   A
#
loop_
_chem_comp.id
_chem_comp.type
_chem_comp.name
_chem_comp.formula
V5B non-polymer 'methyl sulfate' 'C H4 O4 S'
#
# COMPACT_ATOMS: atom_id res chain seq x y z
N ILE A 1 -18.29 -10.03 1.05
CA ILE A 1 -16.83 -9.81 0.81
C ILE A 1 -16.08 -11.15 0.93
N GLY A 2 -15.36 -11.51 -0.13
CA GLY A 2 -14.64 -12.77 -0.21
C GLY A 2 -13.49 -12.85 0.77
N THR A 3 -13.37 -14.02 1.42
CA THR A 3 -12.29 -14.31 2.36
C THR A 3 -11.19 -15.20 1.76
N GLY A 4 -11.48 -15.83 0.62
CA GLY A 4 -10.54 -16.73 -0.05
C GLY A 4 -9.49 -15.99 -0.84
N PHE A 5 -8.41 -16.70 -1.21
CA PHE A 5 -7.34 -16.14 -2.04
C PHE A 5 -7.10 -17.08 -3.22
N PRO A 6 -8.04 -17.12 -4.19
CA PRO A 6 -7.98 -18.08 -5.30
C PRO A 6 -7.05 -17.65 -6.44
N PHE A 7 -5.75 -17.51 -6.14
CA PHE A 7 -4.75 -17.11 -7.13
C PHE A 7 -3.55 -18.05 -7.12
N ASP A 8 -3.21 -18.57 -8.30
CA ASP A 8 -2.01 -19.36 -8.50
C ASP A 8 -0.80 -18.55 -8.03
N PRO A 9 0.07 -19.12 -7.15
CA PRO A 9 1.27 -18.41 -6.71
C PRO A 9 2.34 -18.35 -7.80
N HIS A 10 3.06 -17.21 -7.87
CA HIS A 10 4.20 -17.05 -8.72
C HIS A 10 5.34 -16.42 -7.94
N TYR A 11 6.57 -16.83 -8.24
CA TYR A 11 7.81 -16.37 -7.58
C TYR A 11 8.83 -15.97 -8.64
N VAL A 12 9.46 -14.82 -8.45
CA VAL A 12 10.59 -14.41 -9.28
C VAL A 12 11.73 -14.10 -8.33
N GLU A 13 12.95 -14.48 -8.72
CA GLU A 13 14.13 -14.25 -7.91
C GLU A 13 14.56 -12.80 -8.09
N VAL A 14 14.71 -12.11 -6.96
CA VAL A 14 15.05 -10.69 -6.93
C VAL A 14 16.17 -10.47 -5.92
N LEU A 15 17.36 -10.12 -6.42
CA LEU A 15 18.53 -9.84 -5.60
C LEU A 15 18.79 -10.99 -4.60
N GLY A 16 18.73 -12.22 -5.11
CA GLY A 16 18.96 -13.43 -4.32
C GLY A 16 17.84 -13.82 -3.36
N GLU A 17 16.66 -13.21 -3.51
CA GLU A 17 15.47 -13.49 -2.71
C GLU A 17 14.28 -13.69 -3.64
N ARG A 18 13.42 -14.66 -3.32
CA ARG A 18 12.18 -14.97 -4.07
C ARG A 18 11.05 -14.04 -3.59
N MET A 19 10.42 -13.33 -4.52
CA MET A 19 9.26 -12.51 -4.21
C MET A 19 8.04 -13.13 -4.85
N HIS A 20 7.02 -13.38 -4.03
CA HIS A 20 5.74 -13.92 -4.48
C HIS A 20 4.92 -12.82 -5.12
N TYR A 21 4.17 -13.16 -6.17
CA TYR A 21 3.22 -12.23 -6.82
C TYR A 21 2.03 -12.98 -7.44
N VAL A 22 0.87 -12.34 -7.44
CA VAL A 22 -0.28 -12.72 -8.23
C VAL A 22 0.00 -12.24 -9.64
N ASP A 23 -0.40 -13.04 -10.62
CA ASP A 23 -0.28 -12.68 -12.02
C ASP A 23 -1.42 -13.34 -12.79
N VAL A 24 -2.50 -12.60 -13.00
CA VAL A 24 -3.70 -13.06 -13.69
C VAL A 24 -4.12 -12.05 -14.75
N GLY A 25 -5.00 -12.49 -15.65
CA GLY A 25 -5.53 -11.67 -16.72
C GLY A 25 -4.74 -11.78 -18.01
N PRO A 26 -5.21 -11.13 -19.11
CA PRO A 26 -4.60 -11.32 -20.43
C PRO A 26 -3.20 -10.70 -20.54
N ARG A 27 -2.31 -11.33 -21.32
CA ARG A 27 -0.87 -10.98 -21.44
C ARG A 27 -0.59 -10.39 -22.83
N ASP A 28 -0.71 -9.07 -22.97
CA ASP A 28 -0.36 -8.35 -24.20
C ASP A 28 -0.27 -6.84 -24.00
N GLY A 29 -1.28 -6.25 -23.34
CA GLY A 29 -1.37 -4.82 -23.12
C GLY A 29 -0.58 -4.34 -21.90
N THR A 30 -1.01 -3.20 -21.36
CA THR A 30 -0.35 -2.58 -20.22
C THR A 30 -0.77 -3.26 -18.92
N PRO A 31 0.19 -3.73 -18.08
CA PRO A 31 -0.14 -4.37 -16.81
C PRO A 31 -0.52 -3.36 -15.71
N VAL A 32 -1.39 -3.80 -14.80
CA VAL A 32 -1.78 -3.05 -13.62
C VAL A 32 -1.02 -3.65 -12.45
N LEU A 33 -0.16 -2.84 -11.83
CA LEU A 33 0.69 -3.25 -10.71
C LEU A 33 0.10 -2.76 -9.38
N PHE A 34 -0.34 -3.70 -8.54
CA PHE A 34 -0.94 -3.41 -7.23
C PHE A 34 0.13 -3.53 -6.14
N LEU A 35 0.28 -2.47 -5.33
CA LEU A 35 1.31 -2.40 -4.30
C LEU A 35 0.68 -2.16 -2.93
N HIS A 36 0.68 -3.19 -2.09
CA HIS A 36 0.21 -3.13 -0.69
C HIS A 36 1.25 -2.45 0.19
N GLY A 37 0.87 -2.22 1.45
CA GLY A 37 1.77 -1.71 2.48
C GLY A 37 1.70 -2.51 3.76
N ASN A 38 1.73 -1.81 4.91
CA ASN A 38 1.91 -2.41 6.21
C ASN A 38 0.58 -2.60 6.91
N PRO A 39 0.26 -3.76 7.54
CA PRO A 39 1.08 -4.99 7.50
C PRO A 39 0.51 -6.07 6.57
N THR A 40 0.23 -5.70 5.33
CA THR A 40 -0.62 -6.51 4.46
C THR A 40 0.22 -7.25 3.42
N SER A 41 -0.43 -7.70 2.34
CA SER A 41 0.22 -8.41 1.24
C SER A 41 -0.71 -8.27 0.04
N SER A 42 -0.45 -9.04 -1.02
CA SER A 42 -1.36 -9.14 -2.14
C SER A 42 -2.79 -9.57 -1.73
N TYR A 43 -2.92 -10.20 -0.55
CA TYR A 43 -4.22 -10.61 0.03
C TYR A 43 -5.17 -9.39 0.12
N LEU A 44 -4.61 -8.21 0.38
CA LEU A 44 -5.36 -6.96 0.43
C LEU A 44 -6.17 -6.67 -0.84
N TRP A 45 -5.63 -7.12 -1.99
CA TRP A 45 -6.19 -6.86 -3.32
C TRP A 45 -7.11 -7.95 -3.88
N ARG A 46 -7.38 -8.99 -3.09
CA ARG A 46 -8.03 -10.26 -3.52
C ARG A 46 -9.42 -10.01 -4.14
N ASN A 47 -10.16 -9.03 -3.62
CA ASN A 47 -11.52 -8.76 -4.11
C ASN A 47 -11.61 -7.59 -5.10
N ILE A 48 -10.48 -6.91 -5.32
CA ILE A 48 -10.37 -5.79 -6.25
C ILE A 48 -9.92 -6.32 -7.62
N ILE A 49 -8.90 -7.18 -7.60
CA ILE A 49 -8.32 -7.77 -8.80
C ILE A 49 -9.34 -8.41 -9.76
N PRO A 50 -10.31 -9.22 -9.28
CA PRO A 50 -11.33 -9.81 -10.16
C PRO A 50 -12.15 -8.85 -11.03
N HIS A 51 -12.28 -7.58 -10.63
CA HIS A 51 -12.96 -6.57 -11.45
C HIS A 51 -12.08 -6.12 -12.62
N VAL A 52 -10.76 -6.22 -12.45
CA VAL A 52 -9.79 -5.67 -13.37
C VAL A 52 -9.22 -6.74 -14.32
N ALA A 53 -9.05 -7.96 -13.81
CA ALA A 53 -8.45 -9.09 -14.53
C ALA A 53 -9.09 -9.49 -15.85
N PRO A 54 -10.43 -9.37 -16.02
CA PRO A 54 -11.08 -9.66 -17.30
C PRO A 54 -10.51 -8.88 -18.49
N SER A 55 -10.07 -7.62 -18.26
CA SER A 55 -9.61 -6.72 -19.32
C SER A 55 -8.11 -6.38 -19.31
N HIS A 56 -7.44 -6.62 -18.18
CA HIS A 56 -6.06 -6.18 -17.95
C HIS A 56 -5.29 -7.17 -17.11
N ARG A 57 -3.98 -7.31 -17.40
CA ARG A 57 -3.04 -8.13 -16.58
C ARG A 57 -2.91 -7.48 -15.20
N CYS A 58 -3.17 -8.25 -14.13
CA CYS A 58 -2.99 -7.79 -12.75
C CYS A 58 -1.79 -8.47 -12.10
N ILE A 59 -0.80 -7.65 -11.71
CA ILE A 59 0.40 -8.10 -11.03
C ILE A 59 0.39 -7.51 -9.63
N ALA A 60 0.42 -8.38 -8.61
CA ALA A 60 0.41 -7.94 -7.21
C ALA A 60 1.50 -8.65 -6.40
N PRO A 61 2.69 -8.04 -6.25
CA PRO A 61 3.77 -8.63 -5.46
C PRO A 61 3.57 -8.47 -3.95
N ASP A 62 4.05 -9.47 -3.19
CA ASP A 62 4.26 -9.33 -1.75
C ASP A 62 5.64 -8.71 -1.57
N LEU A 63 5.69 -7.60 -0.83
CA LEU A 63 6.93 -6.89 -0.51
C LEU A 63 7.89 -7.83 0.23
N ILE A 64 9.19 -7.60 0.03
CA ILE A 64 10.21 -8.43 0.65
C ILE A 64 9.98 -8.43 2.17
N GLY A 65 10.07 -9.62 2.77
CA GLY A 65 9.85 -9.82 4.19
C GLY A 65 8.39 -9.86 4.62
N MET A 66 7.49 -9.96 3.64
CA MET A 66 6.04 -9.91 3.87
C MET A 66 5.34 -10.91 2.96
N GLY A 67 4.08 -11.21 3.29
CA GLY A 67 3.27 -12.15 2.54
C GLY A 67 3.99 -13.49 2.40
N LYS A 68 4.09 -14.00 1.16
CA LYS A 68 4.77 -15.27 0.88
C LYS A 68 6.17 -15.08 0.30
N SER A 69 6.67 -13.85 0.32
CA SER A 69 8.01 -13.54 -0.17
C SER A 69 9.03 -13.98 0.88
N ASP A 70 10.27 -14.22 0.43
CA ASP A 70 11.36 -14.56 1.34
C ASP A 70 11.58 -13.45 2.37
N LYS A 71 12.23 -13.82 3.47
CA LYS A 71 12.39 -12.97 4.65
C LYS A 71 13.86 -12.80 5.03
N PRO A 72 14.66 -12.03 4.25
CA PRO A 72 16.07 -11.81 4.58
C PRO A 72 16.25 -11.02 5.89
N ASP A 73 17.37 -11.21 6.57
CA ASP A 73 17.70 -10.52 7.81
C ASP A 73 18.15 -9.09 7.49
N LEU A 74 17.17 -8.23 7.21
CA LEU A 74 17.40 -6.83 6.88
C LEU A 74 16.87 -5.92 7.98
N ASP A 75 17.22 -4.64 7.91
CA ASP A 75 16.65 -3.60 8.77
C ASP A 75 15.25 -3.20 8.29
N TYR A 76 14.97 -3.46 7.01
CA TYR A 76 13.67 -3.23 6.34
C TYR A 76 13.33 -1.73 6.37
N PHE A 77 14.35 -0.89 6.18
CA PHE A 77 14.18 0.53 5.88
C PHE A 77 13.43 0.66 4.55
N PHE A 78 12.85 1.84 4.32
CA PHE A 78 12.17 2.13 3.06
C PHE A 78 13.08 1.87 1.86
N ASP A 79 14.36 2.27 1.97
CA ASP A 79 15.36 2.09 0.91
C ASP A 79 15.56 0.63 0.52
N ASP A 80 15.42 -0.29 1.49
CA ASP A 80 15.51 -1.73 1.23
C ASP A 80 14.38 -2.15 0.29
N HIS A 81 13.15 -1.76 0.64
CA HIS A 81 11.96 -2.05 -0.17
C HIS A 81 12.06 -1.46 -1.57
N VAL A 82 12.62 -0.26 -1.68
CA VAL A 82 12.85 0.42 -2.96
C VAL A 82 13.68 -0.47 -3.89
N ARG A 83 14.82 -0.95 -3.37
CA ARG A 83 15.81 -1.76 -4.14
C ARG A 83 15.15 -3.04 -4.66
N TYR A 84 14.39 -3.74 -3.81
CA TYR A 84 13.73 -5.03 -4.17
C TYR A 84 12.59 -4.80 -5.17
N LEU A 85 11.79 -3.74 -4.98
CA LEU A 85 10.70 -3.46 -5.92
C LEU A 85 11.25 -3.06 -7.28
N ASP A 86 12.29 -2.22 -7.30
CA ASP A 86 12.94 -1.79 -8.54
C ASP A 86 13.37 -3.02 -9.33
N ALA A 87 13.98 -3.96 -8.61
CA ALA A 87 14.52 -5.20 -9.19
C ALA A 87 13.42 -6.15 -9.67
N PHE A 88 12.31 -6.21 -8.93
CA PHE A 88 11.13 -7.01 -9.28
C PHE A 88 10.54 -6.57 -10.61
N ILE A 89 10.31 -5.26 -10.75
CA ILE A 89 9.75 -4.67 -11.97
C ILE A 89 10.61 -5.00 -13.19
N GLU A 90 11.94 -4.89 -13.04
CA GLU A 90 12.87 -5.20 -14.13
C GLU A 90 12.96 -6.70 -14.38
N ALA A 91 12.84 -7.49 -13.31
CA ALA A 91 12.88 -8.95 -13.40
C ALA A 91 11.75 -9.52 -14.25
N LEU A 92 10.58 -8.87 -14.21
CA LEU A 92 9.44 -9.27 -15.04
C LEU A 92 9.47 -8.64 -16.46
N GLY A 93 10.46 -7.77 -16.70
CA GLY A 93 10.62 -7.08 -17.97
C GLY A 93 9.46 -6.16 -18.28
N LEU A 94 8.92 -5.49 -17.26
CA LEU A 94 7.81 -4.56 -17.43
C LEU A 94 8.33 -3.28 -18.08
N GLU A 95 7.53 -2.76 -19.03
CA GLU A 95 7.87 -1.55 -19.76
C GLU A 95 7.06 -0.41 -19.15
N GLU A 96 5.82 -0.23 -19.61
CA GLU A 96 4.90 0.77 -19.07
C GLU A 96 3.93 0.05 -18.14
N VAL A 97 3.45 0.76 -17.11
CA VAL A 97 2.56 0.19 -16.12
C VAL A 97 1.50 1.20 -15.69
N VAL A 98 0.39 0.68 -15.15
CA VAL A 98 -0.57 1.43 -14.36
C VAL A 98 -0.34 1.01 -12.91
N LEU A 99 -0.20 2.00 -12.03
CA LEU A 99 0.00 1.74 -10.61
C LEU A 99 -1.33 1.79 -9.87
N VAL A 100 -1.54 0.82 -8.98
CA VAL A 100 -2.63 0.83 -8.00
C VAL A 100 -1.98 0.64 -6.62
N ILE A 101 -2.03 1.69 -5.78
CA ILE A 101 -1.12 1.79 -4.65
C ILE A 101 -1.77 2.29 -3.36
N HIS A 102 -1.15 1.90 -2.23
CA HIS A 102 -1.69 2.10 -0.89
C HIS A 102 -0.57 2.14 0.14
N ASP A 103 -0.65 3.10 1.08
CA ASP A 103 0.25 3.16 2.24
C ASP A 103 1.72 3.12 1.78
N TRP A 104 2.52 2.15 2.25
CA TRP A 104 3.93 2.12 1.93
C TRP A 104 4.12 1.71 0.47
N GLY A 105 3.12 1.01 -0.08
CA GLY A 105 3.03 0.72 -1.50
C GLY A 105 2.91 1.97 -2.35
N SER A 106 2.25 3.01 -1.81
CA SER A 106 2.14 4.30 -2.48
C SER A 106 3.44 5.10 -2.45
N ALA A 107 4.14 5.08 -1.31
CA ALA A 107 5.48 5.68 -1.23
C ALA A 107 6.39 5.05 -2.28
N LEU A 108 6.36 3.72 -2.35
CA LEU A 108 7.15 2.97 -3.33
C LEU A 108 6.76 3.30 -4.76
N GLY A 109 5.46 3.29 -5.03
CA GLY A 109 4.91 3.56 -6.35
C GLY A 109 5.18 4.97 -6.83
N PHE A 110 4.94 5.96 -5.97
CA PHE A 110 5.16 7.36 -6.34
C PHE A 110 6.64 7.65 -6.57
N HIS A 111 7.50 7.06 -5.74
CA HIS A 111 8.94 7.23 -5.84
C HIS A 111 9.46 6.60 -7.14
N TRP A 112 8.94 5.42 -7.48
CA TRP A 112 9.26 4.77 -8.74
C TRP A 112 8.76 5.61 -9.93
N ALA A 113 7.54 6.14 -9.82
CA ALA A 113 6.93 6.97 -10.86
C ALA A 113 7.74 8.23 -11.15
N LYS A 114 8.13 8.95 -10.09
CA LYS A 114 8.99 10.12 -10.20
C LYS A 114 10.28 9.83 -10.98
N ARG A 115 10.86 8.66 -10.75
CA ARG A 115 12.17 8.24 -11.33
C ARG A 115 11.98 7.63 -12.72
N ASN A 116 10.76 7.16 -13.05
CA ASN A 116 10.42 6.55 -14.33
C ASN A 116 9.11 7.11 -14.87
N PRO A 117 8.98 8.45 -15.06
CA PRO A 117 7.70 9.06 -15.38
C PRO A 117 7.13 8.60 -16.73
N GLU A 118 8.02 8.34 -17.70
CA GLU A 118 7.64 7.89 -19.04
C GLU A 118 6.96 6.51 -19.06
N ARG A 119 7.13 5.73 -17.98
CA ARG A 119 6.66 4.31 -17.90
C ARG A 119 5.36 4.22 -17.08
N VAL A 120 4.87 5.31 -16.49
CA VAL A 120 3.62 5.29 -15.72
C VAL A 120 2.48 5.86 -16.55
N LYS A 121 1.48 5.01 -16.83
CA LYS A 121 0.32 5.38 -17.66
C LYS A 121 -0.89 5.86 -16.85
N GLY A 122 -0.85 5.61 -15.54
CA GLY A 122 -1.91 6.01 -14.63
C GLY A 122 -1.57 5.60 -13.22
N ILE A 123 -2.11 6.34 -12.24
CA ILE A 123 -1.99 5.99 -10.83
C ILE A 123 -3.35 6.03 -10.16
N ALA A 124 -3.81 4.87 -9.70
CA ALA A 124 -4.94 4.77 -8.77
C ALA A 124 -4.34 4.66 -7.38
N CYS A 125 -4.79 5.52 -6.46
CA CYS A 125 -4.21 5.57 -5.13
C CYS A 125 -5.30 5.74 -4.08
N MET A 126 -4.92 5.46 -2.84
CA MET A 126 -5.84 5.43 -1.70
C MET A 126 -5.03 5.41 -0.43
N GLU A 127 -5.45 6.23 0.54
CA GLU A 127 -4.79 6.29 1.84
C GLU A 127 -3.28 6.19 1.66
N PHE A 128 -2.74 7.15 0.88
CA PHE A 128 -1.35 7.17 0.49
C PHE A 128 -0.53 8.03 1.45
N ILE A 129 0.79 7.84 1.43
CA ILE A 129 1.69 8.53 2.34
C ILE A 129 2.04 9.91 1.81
N ARG A 130 1.80 10.93 2.65
CA ARG A 130 2.16 12.35 2.43
C ARG A 130 2.86 12.84 3.71
N PRO A 131 3.61 13.96 3.67
CA PRO A 131 4.21 14.50 4.89
C PRO A 131 3.13 14.83 5.93
N ILE A 132 3.36 14.46 7.18
CA ILE A 132 2.45 14.73 8.28
C ILE A 132 3.15 15.73 9.21
N PRO A 133 2.93 17.05 9.02
CA PRO A 133 3.76 18.08 9.66
C PRO A 133 3.77 18.02 11.20
N THR A 134 2.63 17.68 11.81
CA THR A 134 2.51 17.51 13.26
C THR A 134 1.59 16.35 13.58
N TRP A 135 1.65 15.88 14.82
CA TRP A 135 0.79 14.80 15.31
C TRP A 135 -0.69 15.17 15.39
N ASP A 136 -0.99 16.47 15.34
CA ASP A 136 -2.36 16.98 15.26
C ASP A 136 -3.10 16.53 14.00
N GLU A 137 -2.34 16.31 12.92
CA GLU A 137 -2.87 15.82 11.64
C GLU A 137 -3.09 14.30 11.65
N TRP A 138 -2.60 13.63 12.69
CA TRP A 138 -2.81 12.19 12.85
C TRP A 138 -4.10 12.00 13.65
N PRO A 139 -5.01 11.08 13.24
CA PRO A 139 -6.28 10.91 13.92
C PRO A 139 -6.12 10.68 15.43
N GLU A 140 -6.94 11.36 16.24
CA GLU A 140 -6.86 11.28 17.69
C GLU A 140 -7.08 9.84 18.17
N PHE A 141 -7.91 9.08 17.47
CA PHE A 141 -8.19 7.69 17.82
C PHE A 141 -7.01 6.71 17.66
N ALA A 142 -5.91 7.19 17.09
CA ALA A 142 -4.69 6.37 16.94
C ALA A 142 -3.37 7.09 17.28
N ARG A 143 -3.45 8.26 17.92
CA ARG A 143 -2.28 9.17 18.15
C ARG A 143 -1.33 8.54 19.17
N GLU A 144 -1.82 8.17 20.34
CA GLU A 144 -0.99 7.59 21.40
C GLU A 144 -0.37 6.26 20.95
N LEU A 145 -1.14 5.47 20.19
CA LEU A 145 -0.71 4.17 19.71
C LEU A 145 0.53 4.28 18.82
N PHE A 146 0.45 5.14 17.80
CA PHE A 146 1.55 5.31 16.84
C PHE A 146 2.72 6.10 17.44
N GLN A 147 2.43 6.96 18.41
CA GLN A 147 3.46 7.63 19.21
C GLN A 147 4.27 6.61 20.00
N ALA A 148 3.56 5.61 20.55
CA ALA A 148 4.18 4.49 21.26
C ALA A 148 5.01 3.59 20.32
N PHE A 149 4.49 3.35 19.11
CA PHE A 149 5.20 2.59 18.08
C PHE A 149 6.57 3.20 17.77
N ARG A 150 6.67 4.53 17.87
CA ARG A 150 7.90 5.31 17.56
C ARG A 150 8.63 5.70 18.86
N THR A 151 8.34 5.03 19.98
CA THR A 151 9.06 5.23 21.24
C THR A 151 10.01 4.06 21.44
N ALA A 152 11.22 4.36 21.92
CA ALA A 152 12.25 3.35 22.17
C ALA A 152 11.73 2.30 23.15
N ASP A 153 12.01 1.02 22.84
CA ASP A 153 11.61 -0.14 23.63
C ASP A 153 10.13 -0.48 23.51
N VAL A 154 9.26 0.47 23.90
CA VAL A 154 7.81 0.32 23.87
C VAL A 154 7.30 -0.10 22.48
N GLY A 155 7.82 0.54 21.43
CA GLY A 155 7.42 0.28 20.05
C GLY A 155 7.62 -1.16 19.62
N ARG A 156 8.83 -1.68 19.88
CA ARG A 156 9.23 -3.07 19.56
C ARG A 156 8.41 -4.04 20.41
N GLU A 157 8.19 -3.72 21.69
CA GLU A 157 7.37 -4.51 22.60
C GLU A 157 5.96 -4.72 22.03
N LEU A 158 5.34 -3.64 21.56
CA LEU A 158 3.99 -3.68 21.01
C LEU A 158 3.91 -4.45 19.68
N ILE A 159 4.81 -4.12 18.76
CA ILE A 159 4.75 -4.60 17.38
C ILE A 159 5.37 -6.00 17.19
N ILE A 160 6.55 -6.22 17.78
CA ILE A 160 7.26 -7.50 17.68
C ILE A 160 6.69 -8.53 18.66
N ASP A 161 6.74 -8.22 19.96
CA ASP A 161 6.36 -9.16 21.01
C ASP A 161 4.86 -9.47 21.02
N GLN A 162 4.02 -8.42 20.94
CA GLN A 162 2.57 -8.57 21.02
C GLN A 162 1.84 -8.62 19.66
N ASN A 163 2.57 -8.34 18.58
CA ASN A 163 2.04 -8.37 17.22
C ASN A 163 0.90 -7.35 17.02
N ALA A 164 1.10 -6.15 17.58
CA ALA A 164 0.07 -5.12 17.63
C ALA A 164 -0.39 -4.63 16.26
N PHE A 165 0.50 -4.68 15.26
CA PHE A 165 0.15 -4.18 13.94
C PHE A 165 -0.85 -5.10 13.25
N ILE A 166 -0.72 -6.42 13.49
CA ILE A 166 -1.69 -7.39 13.01
C ILE A 166 -2.96 -7.42 13.87
N GLU A 167 -2.77 -7.52 15.19
CA GLU A 167 -3.85 -7.84 16.11
C GLU A 167 -4.71 -6.63 16.51
N GLN A 168 -4.13 -5.43 16.45
CA GLN A 168 -4.81 -4.19 16.84
C GLN A 168 -5.06 -3.20 15.70
N VAL A 169 -4.01 -2.89 14.93
CA VAL A 169 -4.10 -1.85 13.91
C VAL A 169 -5.05 -2.23 12.76
N LEU A 170 -4.92 -3.48 12.26
CA LEU A 170 -5.77 -3.96 11.17
C LEU A 170 -7.27 -3.83 11.47
N PRO A 171 -7.79 -4.49 12.53
CA PRO A 171 -9.19 -4.31 12.93
C PRO A 171 -9.57 -2.85 13.22
N LYS A 172 -8.65 -2.08 13.82
N LYS A 172 -8.65 -2.09 13.82
CA LYS A 172 -8.88 -0.69 14.19
CA LYS A 172 -8.89 -0.69 14.18
C LYS A 172 -9.10 0.20 12.96
C LYS A 172 -9.09 0.21 12.96
N PHE A 173 -8.43 -0.13 11.85
CA PHE A 173 -8.47 0.65 10.61
C PHE A 173 -9.31 0.04 9.47
N VAL A 174 -10.18 -0.91 9.82
CA VAL A 174 -11.24 -1.40 8.93
C VAL A 174 -12.56 -1.10 9.64
N VAL A 175 -13.46 -0.43 8.93
CA VAL A 175 -14.75 -0.01 9.51
C VAL A 175 -15.60 -1.23 9.85
N ARG A 176 -15.80 -2.12 8.87
CA ARG A 176 -16.57 -3.38 9.06
C ARG A 176 -15.72 -4.35 9.87
N PRO A 177 -16.32 -5.34 10.58
CA PRO A 177 -15.55 -6.33 11.33
C PRO A 177 -14.90 -7.37 10.41
N LEU A 178 -13.59 -7.62 10.61
CA LEU A 178 -12.88 -8.67 9.87
C LEU A 178 -13.24 -10.03 10.46
N THR A 179 -13.37 -11.04 9.60
CA THR A 179 -13.66 -12.41 10.01
C THR A 179 -12.38 -13.06 10.52
N GLU A 180 -12.52 -14.20 11.21
N GLU A 180 -12.54 -14.19 11.21
CA GLU A 180 -11.38 -14.94 11.75
CA GLU A 180 -11.43 -14.97 11.74
C GLU A 180 -10.51 -15.49 10.61
C GLU A 180 -10.54 -15.49 10.62
N VAL A 181 -11.16 -15.90 9.51
CA VAL A 181 -10.47 -16.41 8.33
C VAL A 181 -9.56 -15.35 7.73
N GLU A 182 -10.05 -14.11 7.65
CA GLU A 182 -9.29 -12.99 7.10
C GLU A 182 -8.09 -12.67 8.00
N MET A 183 -8.32 -12.62 9.32
CA MET A 183 -7.23 -12.40 10.28
C MET A 183 -6.12 -13.45 10.14
N ASP A 184 -6.53 -14.71 9.96
CA ASP A 184 -5.57 -15.83 9.84
C ASP A 184 -4.71 -15.69 8.60
N HIS A 185 -5.30 -15.17 7.51
CA HIS A 185 -4.54 -14.89 6.29
C HIS A 185 -3.47 -13.83 6.56
N TYR A 186 -3.83 -12.76 7.26
CA TYR A 186 -2.93 -11.63 7.60
C TYR A 186 -1.90 -12.08 8.64
N ARG A 187 -2.25 -13.03 9.52
CA ARG A 187 -1.38 -13.56 10.61
C ARG A 187 -0.27 -14.44 10.01
N GLU A 188 -0.57 -15.19 8.95
CA GLU A 188 0.29 -16.30 8.47
C GLU A 188 1.75 -15.94 8.25
N PRO A 189 2.09 -14.78 7.63
CA PRO A 189 3.48 -14.41 7.40
C PRO A 189 4.30 -14.13 8.67
N PHE A 190 3.62 -13.82 9.79
CA PHE A 190 4.26 -13.27 10.99
C PHE A 190 4.04 -14.11 12.24
N LEU A 191 3.81 -15.42 12.05
CA LEU A 191 3.66 -16.37 13.16
C LEU A 191 4.89 -16.37 14.07
N LYS A 192 6.08 -16.26 13.47
CA LYS A 192 7.34 -16.15 14.22
C LYS A 192 7.64 -14.69 14.55
N PRO A 193 7.68 -14.31 15.85
CA PRO A 193 7.88 -12.92 16.24
C PRO A 193 9.04 -12.19 15.54
N VAL A 194 10.16 -12.87 15.32
CA VAL A 194 11.34 -12.25 14.71
C VAL A 194 11.06 -11.67 13.31
N ASP A 195 10.13 -12.30 12.57
CA ASP A 195 9.75 -11.89 11.23
C ASP A 195 8.91 -10.59 11.16
N ARG A 196 8.63 -9.98 12.31
CA ARG A 196 7.75 -8.77 12.43
C ARG A 196 8.58 -7.49 12.29
N GLU A 197 9.91 -7.61 12.06
CA GLU A 197 10.78 -6.45 11.90
C GLU A 197 10.25 -5.40 10.93
N PRO A 198 9.80 -5.75 9.70
CA PRO A 198 9.26 -4.77 8.76
C PRO A 198 8.02 -4.04 9.32
N LEU A 199 7.21 -4.75 10.11
CA LEU A 199 5.99 -4.17 10.70
C LEU A 199 6.30 -3.06 11.71
N TRP A 200 7.47 -3.15 12.37
CA TRP A 200 7.92 -2.15 13.33
C TRP A 200 8.63 -0.98 12.65
N ARG A 201 9.46 -1.26 11.64
CA ARG A 201 10.29 -0.23 10.97
C ARG A 201 9.41 0.72 10.16
N PHE A 202 8.36 0.19 9.51
CA PHE A 202 7.46 0.98 8.68
C PHE A 202 6.87 2.20 9.40
N PRO A 203 6.18 2.02 10.56
CA PRO A 203 5.69 3.17 11.34
C PRO A 203 6.81 4.14 11.77
N ASN A 204 8.02 3.62 12.00
CA ASN A 204 9.19 4.44 12.33
C ASN A 204 9.85 5.13 11.13
N GLU A 205 9.37 4.83 9.92
CA GLU A 205 9.79 5.51 8.69
C GLU A 205 8.80 6.61 8.25
N LEU A 206 7.58 6.59 8.81
CA LEU A 206 6.53 7.56 8.49
C LEU A 206 7.01 9.01 8.64
N PRO A 207 6.79 9.87 7.62
CA PRO A 207 7.26 11.25 7.68
C PRO A 207 6.35 12.08 8.59
N ILE A 208 6.62 12.03 9.90
CA ILE A 208 5.82 12.68 10.94
C ILE A 208 6.69 13.62 11.77
N ALA A 209 6.26 14.88 11.89
CA ALA A 209 6.96 15.90 12.66
C ALA A 209 8.39 16.16 12.16
N GLY A 210 8.58 16.00 10.85
CA GLY A 210 9.87 16.24 10.21
C GLY A 210 10.91 15.14 10.33
N GLU A 211 10.50 13.98 10.86
CA GLU A 211 11.40 12.84 11.08
C GLU A 211 10.78 11.52 10.63
N PRO A 212 11.56 10.58 10.04
CA PRO A 212 12.97 10.81 9.71
C PRO A 212 13.14 11.76 8.52
N ALA A 213 14.08 12.71 8.63
CA ALA A 213 14.27 13.79 7.66
C ALA A 213 14.39 13.32 6.21
N ASN A 214 15.10 12.21 6.01
CA ASN A 214 15.35 11.67 4.66
C ASN A 214 14.08 11.20 3.95
N ILE A 215 13.19 10.55 4.71
CA ILE A 215 11.89 10.11 4.18
C ILE A 215 10.99 11.30 3.90
N VAL A 216 11.00 12.30 4.80
CA VAL A 216 10.23 13.53 4.62
C VAL A 216 10.62 14.16 3.28
N ALA A 217 11.94 14.32 3.08
CA ALA A 217 12.49 14.89 1.85
C ALA A 217 12.04 14.11 0.61
N LEU A 218 12.12 12.78 0.70
CA LEU A 218 11.78 11.87 -0.40
C LEU A 218 10.30 11.94 -0.76
N VAL A 219 9.45 11.96 0.26
CA VAL A 219 8.00 12.05 0.08
C VAL A 219 7.59 13.44 -0.45
N GLU A 220 8.23 14.50 0.06
CA GLU A 220 8.03 15.85 -0.45
C GLU A 220 8.38 15.91 -1.93
N ALA A 221 9.46 15.21 -2.32
CA ALA A 221 9.93 15.18 -3.70
C ALA A 221 8.87 14.60 -4.62
N TYR A 222 8.32 13.42 -4.28
CA TYR A 222 7.37 12.68 -5.16
C TYR A 222 5.99 13.36 -5.12
N MET A 223 5.67 14.08 -4.03
CA MET A 223 4.44 14.86 -4.00
C MET A 223 4.56 16.08 -4.92
N ASN A 224 5.73 16.70 -4.96
CA ASN A 224 6.00 17.80 -5.89
C ASN A 224 5.90 17.34 -7.34
N TRP A 225 6.45 16.15 -7.63
CA TRP A 225 6.33 15.54 -8.94
C TRP A 225 4.85 15.26 -9.27
N LEU A 226 4.15 14.65 -8.31
CA LEU A 226 2.75 14.28 -8.48
C LEU A 226 1.87 15.48 -8.80
N HIS A 227 2.12 16.59 -8.10
CA HIS A 227 1.31 17.81 -8.26
C HIS A 227 1.51 18.51 -9.61
N GLN A 228 2.58 18.14 -10.34
CA GLN A 228 2.83 18.69 -11.68
C GLN A 228 2.87 17.64 -12.79
N SER A 229 2.48 16.40 -12.48
CA SER A 229 2.44 15.32 -13.46
C SER A 229 1.10 15.30 -14.19
N PRO A 230 1.09 15.20 -15.54
CA PRO A 230 -0.17 15.07 -16.28
C PRO A 230 -0.74 13.64 -16.31
N VAL A 231 -0.05 12.67 -15.72
CA VAL A 231 -0.52 11.27 -15.68
C VAL A 231 -1.92 11.22 -15.09
N PRO A 232 -2.88 10.48 -15.69
CA PRO A 232 -4.20 10.30 -15.09
C PRO A 232 -4.14 9.71 -13.68
N LYS A 233 -4.98 10.23 -12.78
CA LYS A 233 -5.02 9.80 -11.39
C LYS A 233 -6.43 9.48 -10.95
N LEU A 234 -6.57 8.43 -10.15
CA LEU A 234 -7.83 8.03 -9.53
C LEU A 234 -7.58 7.89 -8.02
N LEU A 235 -8.23 8.75 -7.23
CA LEU A 235 -8.04 8.80 -5.78
C LEU A 235 -9.29 8.32 -5.05
N PHE A 236 -9.14 7.22 -4.30
CA PHE A 236 -10.19 6.67 -3.47
C PHE A 236 -10.00 7.18 -2.06
N TRP A 237 -11.10 7.59 -1.42
CA TRP A 237 -11.06 8.09 -0.06
C TRP A 237 -12.30 7.66 0.71
N GLY A 238 -12.19 7.70 2.04
CA GLY A 238 -13.26 7.31 2.93
C GLY A 238 -13.40 8.31 4.08
N THR A 239 -14.51 8.18 4.81
CA THR A 239 -14.81 9.01 5.96
C THR A 239 -14.75 8.12 7.21
N PRO A 240 -13.96 8.47 8.26
CA PRO A 240 -13.18 9.70 8.33
C PRO A 240 -11.75 9.59 7.79
N GLY A 241 -11.35 8.40 7.32
CA GLY A 241 -10.00 8.16 6.84
C GLY A 241 -8.98 8.19 7.96
N VAL A 242 -7.70 8.05 7.57
CA VAL A 242 -6.57 8.04 8.49
C VAL A 242 -5.50 8.98 7.93
N LEU A 243 -4.83 8.56 6.85
CA LEU A 243 -3.82 9.38 6.18
C LEU A 243 -4.43 10.47 5.30
N ILE A 244 -5.59 10.18 4.70
CA ILE A 244 -6.28 11.11 3.80
C ILE A 244 -7.71 11.37 4.28
N PRO A 245 -7.92 12.28 5.25
CA PRO A 245 -9.27 12.63 5.69
C PRO A 245 -10.05 13.31 4.57
N PRO A 246 -11.41 13.34 4.65
CA PRO A 246 -12.24 13.98 3.63
C PRO A 246 -11.78 15.37 3.16
N ALA A 247 -11.37 16.22 4.11
CA ALA A 247 -10.91 17.59 3.79
C ALA A 247 -9.65 17.58 2.95
N GLU A 248 -8.76 16.61 3.21
CA GLU A 248 -7.51 16.45 2.45
C GLU A 248 -7.81 15.95 1.04
N ALA A 249 -8.68 14.94 0.93
CA ALA A 249 -9.13 14.44 -0.38
C ALA A 249 -9.75 15.56 -1.23
N ALA A 250 -10.50 16.46 -0.58
CA ALA A 250 -11.11 17.60 -1.25
C ALA A 250 -10.06 18.55 -1.84
N ARG A 251 -9.02 18.85 -1.07
CA ARG A 251 -7.87 19.69 -1.49
C ARG A 251 -7.15 19.01 -2.66
N LEU A 252 -6.89 17.70 -2.53
CA LEU A 252 -6.20 16.93 -3.57
C LEU A 252 -7.01 16.85 -4.86
N ALA A 253 -8.35 16.80 -4.73
CA ALA A 253 -9.25 16.75 -5.86
C ALA A 253 -9.10 17.98 -6.77
N GLU A 254 -8.78 19.14 -6.15
CA GLU A 254 -8.56 20.38 -6.85
C GLU A 254 -7.12 20.55 -7.34
N SER A 255 -6.15 20.17 -6.51
CA SER A 255 -4.73 20.43 -6.75
C SER A 255 -4.08 19.45 -7.72
N LEU A 256 -4.34 18.14 -7.53
CA LEU A 256 -3.74 17.10 -8.36
C LEU A 256 -4.24 17.16 -9.80
N PRO A 257 -3.34 17.36 -10.80
CA PRO A 257 -3.76 17.41 -12.20
C PRO A 257 -4.39 16.10 -12.67
N ASN A 258 -5.39 16.18 -13.57
CA ASN A 258 -5.96 15.03 -14.25
C ASN A 258 -6.43 13.95 -13.26
N CYS A 259 -7.11 14.40 -12.19
CA CYS A 259 -7.48 13.53 -11.07
C CYS A 259 -9.00 13.39 -10.95
N LYS A 260 -9.47 12.15 -10.79
CA LYS A 260 -10.85 11.86 -10.43
C LYS A 260 -10.86 11.26 -9.03
N THR A 261 -11.77 11.73 -8.18
CA THR A 261 -11.91 11.19 -6.82
C THR A 261 -13.15 10.30 -6.72
N VAL A 262 -13.02 9.22 -5.93
CA VAL A 262 -14.10 8.31 -5.64
C VAL A 262 -14.28 8.15 -4.13
N ASP A 263 -15.46 8.54 -3.64
CA ASP A 263 -15.87 8.41 -2.25
C ASP A 263 -16.37 6.98 -2.02
N ILE A 264 -15.66 6.21 -1.18
CA ILE A 264 -15.99 4.80 -0.95
C ILE A 264 -17.02 4.58 0.17
N GLY A 265 -17.44 5.68 0.81
CA GLY A 265 -18.35 5.65 1.94
C GLY A 265 -17.51 5.59 3.21
N PRO A 266 -18.01 4.93 4.28
CA PRO A 266 -17.23 4.75 5.51
C PRO A 266 -15.89 4.05 5.24
N GLY A 267 -14.79 4.63 5.74
CA GLY A 267 -13.48 4.08 5.56
C GLY A 267 -12.49 4.67 6.52
N LEU A 268 -11.48 3.88 6.87
CA LEU A 268 -10.40 4.31 7.74
C LEU A 268 -9.11 4.27 6.93
N HIS A 269 -8.32 3.20 7.06
CA HIS A 269 -7.07 3.08 6.32
C HIS A 269 -7.10 1.97 5.25
N TYR A 270 -7.56 0.77 5.60
CA TYR A 270 -7.62 -0.41 4.68
C TYR A 270 -8.93 -0.37 3.90
N LEU A 271 -9.07 0.65 3.03
CA LEU A 271 -10.33 0.91 2.30
C LEU A 271 -10.73 -0.31 1.48
N GLN A 272 -9.74 -1.08 1.04
CA GLN A 272 -9.94 -2.28 0.24
C GLN A 272 -10.81 -3.32 0.97
N GLU A 273 -10.77 -3.32 2.31
CA GLU A 273 -11.56 -4.24 3.10
C GLU A 273 -12.98 -3.74 3.36
N ASP A 274 -13.21 -2.44 3.13
CA ASP A 274 -14.52 -1.84 3.31
C ASP A 274 -15.39 -1.76 2.04
N ASN A 275 -14.78 -1.46 0.89
CA ASN A 275 -15.54 -1.35 -0.36
C ASN A 275 -14.71 -1.82 -1.55
N PRO A 276 -14.30 -3.10 -1.58
CA PRO A 276 -13.46 -3.61 -2.67
C PRO A 276 -14.16 -3.55 -4.03
N ASP A 277 -15.48 -3.74 -4.06
CA ASP A 277 -16.22 -3.78 -5.32
C ASP A 277 -16.25 -2.42 -6.02
N LEU A 278 -16.43 -1.35 -5.24
CA LEU A 278 -16.39 0.00 -5.80
C LEU A 278 -14.98 0.35 -6.27
N ILE A 279 -13.97 -0.02 -5.49
CA ILE A 279 -12.59 0.25 -5.86
C ILE A 279 -12.25 -0.49 -7.17
N GLY A 280 -12.60 -1.78 -7.22
CA GLY A 280 -12.35 -2.59 -8.41
C GLY A 280 -13.11 -2.12 -9.63
N SER A 281 -14.42 -1.90 -9.47
CA SER A 281 -15.28 -1.52 -10.59
C SER A 281 -14.86 -0.16 -11.20
N GLU A 282 -14.49 0.79 -10.34
CA GLU A 282 -14.03 2.11 -10.80
C GLU A 282 -12.67 2.06 -11.49
N ILE A 283 -11.76 1.21 -11.00
CA ILE A 283 -10.48 1.03 -11.67
C ILE A 283 -10.76 0.48 -13.06
N ALA A 284 -11.61 -0.55 -13.15
CA ALA A 284 -11.99 -1.18 -14.42
C ALA A 284 -12.61 -0.19 -15.42
N ARG A 285 -13.49 0.69 -14.93
CA ARG A 285 -14.19 1.72 -15.76
C ARG A 285 -13.16 2.76 -16.24
N TRP A 286 -12.15 3.05 -15.40
CA TRP A 286 -11.17 4.10 -15.63
C TRP A 286 -10.08 3.72 -16.64
N LEU A 287 -9.65 2.45 -16.61
CA LEU A 287 -8.50 1.95 -17.39
C LEU A 287 -8.60 2.16 -18.90
N PRO A 288 -9.75 1.84 -19.54
CA PRO A 288 -9.88 2.01 -21.00
C PRO A 288 -9.70 3.46 -21.47
N ALA A 289 -9.94 4.44 -20.60
CA ALA A 289 -9.76 5.86 -20.90
C ALA A 289 -8.29 6.31 -20.88
N LEU A 290 -7.40 5.46 -20.36
CA LEU A 290 -5.96 5.71 -20.33
C LEU A 290 -5.32 5.44 -21.71
C6 V5B B . -0.54 1.62 8.22
O7 V5B B . 0.89 1.27 8.13
S13 V5B B . 1.99 2.38 8.48
O14 V5B B . 1.40 3.17 9.53
O15 V5B B . 3.17 1.66 8.90
O16 V5B B . 2.19 3.13 7.27
#